data_6CQ5
#
_entry.id   6CQ5
#
_cell.length_a   134.840
_cell.length_b   134.840
_cell.length_c   85.157
_cell.angle_alpha   90.000
_cell.angle_beta   90.000
_cell.angle_gamma   120.000
#
_symmetry.space_group_name_H-M   'P 32 2 1'
#
loop_
_entity.id
_entity.type
_entity.pdbx_description
1 polymer 'Serine/threonine-protein kinase TBK1'
2 non-polymer '2-amino-7-(1,1-dioxo-1lambda~6~-thian-4-yl)-5-oxo-5H-[1]benzopyrano[2,3-b]pyridine-3-carboxylic acid'
#
_entity_poly.entity_id   1
_entity_poly.type   'polypeptide(L)'
_entity_poly.pdbx_seq_one_letter_code
;SNAMQSTSNHLWLLSDILGQGATANVFRGRHKKTGDLFAIKVFNNISFLRPVDVQMREFEVLKKLNHKNIVKLFAIEEET
TTRHKVLIMEFCPCGSLYTVLEEPSNAYGLPESEFLIVLRDVVGGMNHLRENGIVHRDIKPGNIMRVIGEDGQSVYKLTD
FGAARELEDDEQFVSLYGTEEYLHPDMYERAVLRKDHQKKYGATVDLWSIGVTFYHAATGSLPFRPFEGPRRNKEVMYKI
ITGKPSGAISGVQKAENGPIDWSGDMPVSCSLSRGLQVLLTPVLANILEADQEKCWGFDQFFAETSDILHRMVIHVFSLQ
QMTAHKIYIHSYNTATIFHELVYKQTKIISSNQELIYEGRRLVLEPGRLAQHFPKTTEENPIFVVSREPLNTIGLIYEKI
SLPKVHPRYDLDGDASMAKAITGVVCYACRIASTLLLYQELMRKGIRWLIELIKDDYNETVHKKTEVVITLDFCIRNIEK
TVKVYEKLMKINLEAAELGEISDIHTKLLRLSSSQGTIETSLQDIDSRLSPGGSLADAWAHQEGTHPKDRNVEKLQVLLN
CMTEIYYQFKKDKAERRLAYNEEQIHKFDKQKLYYHATKAMTHFTDECVKKYEAFLNKSEEWIRKMLHLRKQLLSLTNQC
FDIEEEVSKYQEYTNELQET
;
_entity_poly.pdbx_strand_id   A
#
loop_
_chem_comp.id
_chem_comp.type
_chem_comp.name
_chem_comp.formula
F8S non-polymer '2-amino-7-(1,1-dioxo-1lambda~6~-thian-4-yl)-5-oxo-5H-[1]benzopyrano[2,3-b]pyridine-3-carboxylic acid' 'C18 H16 N2 O6 S'
#
# COMPACT_ATOMS: atom_id res chain seq x y z
N ALA A 3 -38.70 -12.91 -27.59
CA ALA A 3 -37.97 -13.89 -28.39
C ALA A 3 -36.66 -14.28 -27.71
N MET A 4 -36.41 -15.58 -27.60
CA MET A 4 -35.24 -16.08 -26.91
C MET A 4 -35.03 -17.55 -27.26
N GLN A 5 -33.80 -18.01 -27.08
CA GLN A 5 -33.45 -19.41 -27.31
C GLN A 5 -33.55 -20.20 -26.02
N SER A 6 -33.74 -21.50 -26.15
CA SER A 6 -33.96 -22.37 -25.00
C SER A 6 -33.22 -23.69 -25.21
N THR A 7 -33.23 -24.51 -24.15
CA THR A 7 -32.64 -25.85 -24.17
C THR A 7 -33.52 -26.75 -23.32
N SER A 8 -33.12 -28.01 -23.18
CA SER A 8 -33.89 -28.95 -22.37
C SER A 8 -33.88 -28.57 -20.90
N ASN A 9 -32.81 -27.90 -20.44
CA ASN A 9 -32.68 -27.54 -19.04
C ASN A 9 -32.50 -26.06 -18.78
N HIS A 10 -32.15 -25.27 -19.80
CA HIS A 10 -31.84 -23.86 -19.61
C HIS A 10 -32.54 -23.01 -20.66
N LEU A 11 -32.57 -21.70 -20.39
CA LEU A 11 -33.15 -20.71 -21.30
C LEU A 11 -32.55 -19.36 -20.97
N TRP A 12 -32.39 -18.53 -22.00
CA TRP A 12 -31.72 -17.25 -21.86
C TRP A 12 -32.29 -16.24 -22.84
N LEU A 13 -32.37 -14.99 -22.40
CA LEU A 13 -32.80 -13.90 -23.25
C LEU A 13 -31.62 -13.37 -24.07
N LEU A 14 -31.92 -12.89 -25.27
CA LEU A 14 -30.88 -12.29 -26.10
C LEU A 14 -30.51 -10.89 -25.64
N SER A 15 -31.35 -10.25 -24.82
CA SER A 15 -31.00 -8.94 -24.27
C SER A 15 -29.99 -9.06 -23.14
N ASP A 16 -30.15 -10.07 -22.27
CA ASP A 16 -29.19 -10.31 -21.20
C ASP A 16 -27.92 -10.93 -21.77
N ILE A 17 -27.17 -10.15 -22.55
CA ILE A 17 -25.92 -10.59 -23.15
C ILE A 17 -24.77 -10.10 -22.28
N LEU A 18 -23.77 -10.96 -22.10
CA LEU A 18 -22.61 -10.61 -21.27
C LEU A 18 -21.41 -10.26 -22.13
N GLY A 19 -20.69 -11.27 -22.59
CA GLY A 19 -19.52 -11.08 -23.44
C GLY A 19 -19.81 -11.50 -24.87
N GLN A 20 -19.32 -10.70 -25.82
CA GLN A 20 -19.53 -10.95 -27.24
C GLN A 20 -18.16 -11.08 -27.91
N GLY A 21 -17.89 -12.26 -28.46
CA GLY A 21 -16.60 -12.50 -29.08
C GLY A 21 -16.72 -13.05 -30.49
N ALA A 22 -15.60 -13.53 -31.04
CA ALA A 22 -15.59 -14.04 -32.40
C ALA A 22 -16.11 -15.48 -32.45
N THR A 23 -15.63 -16.34 -31.55
CA THR A 23 -16.05 -17.74 -31.57
C THR A 23 -17.52 -17.88 -31.21
N ALA A 24 -17.94 -17.24 -30.12
CA ALA A 24 -19.30 -17.41 -29.63
C ALA A 24 -19.68 -16.18 -28.78
N ASN A 25 -20.91 -16.19 -28.31
CA ASN A 25 -21.43 -15.17 -27.40
C ASN A 25 -21.97 -15.86 -26.16
N VAL A 26 -21.84 -15.20 -25.01
CA VAL A 26 -22.22 -15.76 -23.72
C VAL A 26 -23.39 -14.96 -23.16
N PHE A 27 -24.50 -15.64 -22.90
CA PHE A 27 -25.71 -15.03 -22.37
C PHE A 27 -25.89 -15.40 -20.90
N ARG A 28 -26.68 -14.57 -20.21
CA ARG A 28 -27.05 -14.80 -18.82
C ARG A 28 -28.38 -15.55 -18.81
N GLY A 29 -28.33 -16.84 -18.49
CA GLY A 29 -29.50 -17.69 -18.54
C GLY A 29 -29.74 -18.42 -17.24
N ARG A 30 -30.95 -18.94 -17.11
CA ARG A 30 -31.40 -19.65 -15.91
C ARG A 30 -31.68 -21.11 -16.25
N HIS A 31 -31.90 -21.90 -15.21
CA HIS A 31 -32.25 -23.30 -15.35
C HIS A 31 -33.76 -23.46 -15.33
N LYS A 32 -34.25 -24.44 -16.11
CA LYS A 32 -35.70 -24.60 -16.27
C LYS A 32 -36.36 -25.20 -15.04
N LYS A 33 -35.60 -25.83 -14.15
CA LYS A 33 -36.17 -26.52 -13.00
C LYS A 33 -35.77 -25.92 -11.65
N THR A 34 -34.69 -25.14 -11.59
CA THR A 34 -34.20 -24.60 -10.33
C THR A 34 -34.30 -23.08 -10.23
N GLY A 35 -34.14 -22.37 -11.34
CA GLY A 35 -34.09 -20.93 -11.30
C GLY A 35 -32.72 -20.34 -11.03
N ASP A 36 -31.73 -21.18 -10.72
CA ASP A 36 -30.37 -20.72 -10.52
C ASP A 36 -29.80 -20.18 -11.83
N LEU A 37 -28.94 -19.18 -11.71
CA LEU A 37 -28.38 -18.49 -12.86
C LEU A 37 -27.09 -19.16 -13.31
N PHE A 38 -26.93 -19.28 -14.64
CA PHE A 38 -25.76 -19.88 -15.24
C PHE A 38 -25.27 -19.01 -16.38
N ALA A 39 -24.02 -19.25 -16.77
CA ALA A 39 -23.43 -18.58 -17.93
C ALA A 39 -23.56 -19.51 -19.13
N ILE A 40 -24.43 -19.15 -20.07
CA ILE A 40 -24.73 -19.98 -21.23
C ILE A 40 -23.91 -19.49 -22.40
N LYS A 41 -23.13 -20.38 -22.99
CA LYS A 41 -22.25 -20.07 -24.12
C LYS A 41 -22.80 -20.74 -25.36
N VAL A 42 -23.26 -19.94 -26.32
CA VAL A 42 -23.89 -20.42 -27.54
C VAL A 42 -22.91 -20.20 -28.69
N PHE A 43 -22.43 -21.29 -29.28
CA PHE A 43 -21.50 -21.20 -30.40
C PHE A 43 -22.23 -20.70 -31.64
N ASN A 44 -21.62 -19.72 -32.33
CA ASN A 44 -22.19 -19.24 -33.59
C ASN A 44 -22.21 -20.37 -34.63
N ASN A 45 -21.14 -21.14 -34.71
CA ASN A 45 -21.06 -22.27 -35.64
C ASN A 45 -21.54 -23.55 -34.97
N VAL A 54 -14.17 -35.02 -31.49
CA VAL A 54 -13.05 -34.28 -30.92
C VAL A 54 -13.54 -33.40 -29.77
N GLN A 55 -14.72 -32.80 -29.95
CA GLN A 55 -15.26 -31.91 -28.94
C GLN A 55 -15.84 -32.69 -27.75
N MET A 56 -16.57 -33.77 -28.03
CA MET A 56 -17.22 -34.53 -26.97
C MET A 56 -16.21 -35.12 -25.99
N ARG A 57 -14.94 -35.20 -26.36
CA ARG A 57 -13.91 -35.69 -25.45
C ARG A 57 -13.20 -34.55 -24.74
N GLU A 58 -12.83 -33.51 -25.48
CA GLU A 58 -12.13 -32.36 -24.91
C GLU A 58 -13.04 -31.46 -24.08
N PHE A 59 -14.36 -31.66 -24.16
CA PHE A 59 -15.30 -30.89 -23.32
C PHE A 59 -15.62 -31.63 -22.03
N GLU A 60 -15.82 -32.95 -22.10
CA GLU A 60 -16.07 -33.72 -20.89
C GLU A 60 -14.84 -33.79 -19.99
N VAL A 61 -13.64 -33.62 -20.55
CA VAL A 61 -12.46 -33.53 -19.72
C VAL A 61 -12.37 -32.19 -19.01
N LEU A 62 -13.07 -31.17 -19.51
CA LEU A 62 -13.15 -29.89 -18.82
C LEU A 62 -14.23 -29.86 -17.76
N LYS A 63 -15.13 -30.86 -17.74
CA LYS A 63 -16.12 -30.94 -16.68
C LYS A 63 -15.47 -31.33 -15.35
N LYS A 64 -14.62 -32.35 -15.37
CA LYS A 64 -14.00 -32.82 -14.14
C LYS A 64 -13.04 -31.80 -13.54
N LEU A 65 -12.57 -30.85 -14.34
CA LEU A 65 -11.69 -29.79 -13.85
C LEU A 65 -12.36 -29.01 -12.73
N ASN A 66 -11.93 -29.24 -11.49
CA ASN A 66 -12.51 -28.62 -10.32
C ASN A 66 -11.41 -27.89 -9.56
N HIS A 67 -11.52 -26.57 -9.49
CA HIS A 67 -10.53 -25.76 -8.79
C HIS A 67 -11.17 -24.42 -8.43
N LYS A 68 -10.63 -23.80 -7.38
CA LYS A 68 -11.19 -22.53 -6.92
C LYS A 68 -10.96 -21.41 -7.92
N ASN A 69 -9.86 -21.45 -8.66
CA ASN A 69 -9.48 -20.39 -9.58
C ASN A 69 -9.79 -20.73 -11.03
N ILE A 70 -10.76 -21.63 -11.26
CA ILE A 70 -11.15 -22.04 -12.61
C ILE A 70 -12.67 -22.10 -12.67
N VAL A 71 -13.26 -21.48 -13.68
CA VAL A 71 -14.70 -21.50 -13.85
C VAL A 71 -15.13 -22.93 -14.17
N LYS A 72 -16.06 -23.45 -13.36
CA LYS A 72 -16.52 -24.82 -13.53
C LYS A 72 -17.41 -24.95 -14.76
N LEU A 73 -17.03 -25.86 -15.66
CA LEU A 73 -17.87 -26.21 -16.80
C LEU A 73 -18.84 -27.31 -16.36
N PHE A 74 -20.10 -26.94 -16.18
CA PHE A 74 -21.07 -27.86 -15.60
C PHE A 74 -21.48 -28.95 -16.59
N ALA A 75 -22.07 -28.57 -17.72
CA ALA A 75 -22.56 -29.55 -18.68
C ALA A 75 -22.53 -28.96 -20.08
N ILE A 76 -22.80 -29.82 -21.05
CA ILE A 76 -22.86 -29.45 -22.46
C ILE A 76 -24.19 -29.95 -23.00
N GLU A 77 -25.07 -29.01 -23.37
CA GLU A 77 -26.37 -29.34 -23.93
C GLU A 77 -26.48 -28.75 -25.34
N GLU A 78 -27.48 -29.22 -26.08
CA GLU A 78 -27.71 -28.79 -27.45
C GLU A 78 -28.98 -27.97 -27.52
N GLU A 79 -28.91 -26.82 -28.20
CA GLU A 79 -30.02 -25.89 -28.27
C GLU A 79 -31.21 -26.54 -29.00
N THR A 80 -32.38 -25.92 -28.83
CA THR A 80 -33.62 -26.49 -29.36
C THR A 80 -33.82 -26.14 -30.83
N THR A 81 -33.67 -24.87 -31.18
CA THR A 81 -34.01 -24.44 -32.54
C THR A 81 -32.87 -24.69 -33.52
N THR A 82 -31.65 -24.31 -33.15
CA THR A 82 -30.50 -24.43 -34.04
C THR A 82 -29.65 -25.67 -33.75
N ARG A 83 -29.91 -26.38 -32.65
CA ARG A 83 -29.14 -27.57 -32.27
C ARG A 83 -27.66 -27.23 -32.15
N HIS A 84 -27.36 -26.03 -31.68
CA HIS A 84 -26.00 -25.60 -31.46
C HIS A 84 -25.48 -26.13 -30.13
N LYS A 85 -24.19 -26.47 -30.09
CA LYS A 85 -23.56 -26.93 -28.86
C LYS A 85 -23.52 -25.80 -27.86
N VAL A 86 -24.21 -25.97 -26.73
CA VAL A 86 -24.32 -24.96 -25.69
C VAL A 86 -23.55 -25.42 -24.47
N LEU A 87 -22.67 -24.57 -23.97
CA LEU A 87 -21.91 -24.85 -22.75
C LEU A 87 -22.57 -24.13 -21.58
N ILE A 88 -22.84 -24.88 -20.52
CA ILE A 88 -23.40 -24.33 -19.29
C ILE A 88 -22.24 -24.12 -18.32
N MET A 89 -21.95 -22.87 -18.00
CA MET A 89 -20.80 -22.53 -17.18
C MET A 89 -21.24 -21.77 -15.93
N GLU A 90 -20.29 -21.61 -15.01
CA GLU A 90 -20.56 -20.94 -13.75
C GLU A 90 -20.73 -19.44 -13.98
N PHE A 91 -21.78 -18.86 -13.39
CA PHE A 91 -22.05 -17.45 -13.55
C PHE A 91 -21.27 -16.64 -12.52
N CYS A 92 -20.62 -15.57 -12.98
CA CYS A 92 -19.81 -14.69 -12.14
C CYS A 92 -20.39 -13.28 -12.23
N PRO A 93 -21.31 -12.92 -11.33
CA PRO A 93 -22.09 -11.68 -11.52
C PRO A 93 -21.26 -10.40 -11.48
N CYS A 94 -20.04 -10.44 -10.93
CA CYS A 94 -19.23 -9.24 -10.79
C CYS A 94 -18.52 -8.85 -12.08
N GLY A 95 -18.42 -9.74 -13.05
CA GLY A 95 -17.73 -9.46 -14.30
C GLY A 95 -16.31 -9.99 -14.29
N SER A 96 -15.53 -9.50 -15.24
CA SER A 96 -14.14 -9.91 -15.40
C SER A 96 -13.21 -8.91 -14.74
N LEU A 97 -11.93 -9.29 -14.69
CA LEU A 97 -10.91 -8.40 -14.15
C LEU A 97 -10.85 -7.09 -14.94
N TYR A 98 -11.13 -7.14 -16.24
CA TYR A 98 -11.17 -5.92 -17.04
C TYR A 98 -12.28 -5.00 -16.54
N THR A 99 -13.45 -5.58 -16.22
CA THR A 99 -14.54 -4.77 -15.66
C THR A 99 -14.11 -4.13 -14.35
N VAL A 100 -13.37 -4.86 -13.52
CA VAL A 100 -12.87 -4.31 -12.27
C VAL A 100 -11.93 -3.15 -12.54
N LEU A 101 -11.02 -3.31 -13.51
CA LEU A 101 -10.07 -2.25 -13.81
C LEU A 101 -10.69 -1.07 -14.53
N GLU A 102 -11.96 -1.17 -14.93
CA GLU A 102 -12.64 -0.05 -15.57
C GLU A 102 -13.19 0.95 -14.57
N GLU A 103 -13.38 0.56 -13.31
CA GLU A 103 -13.92 1.48 -12.33
C GLU A 103 -12.88 2.56 -12.00
N PRO A 104 -13.33 3.77 -11.69
CA PRO A 104 -12.37 4.87 -11.46
C PRO A 104 -11.49 4.67 -10.25
N SER A 105 -11.97 3.96 -9.22
CA SER A 105 -11.15 3.74 -8.04
C SER A 105 -9.91 2.92 -8.36
N ASN A 106 -9.97 2.09 -9.41
CA ASN A 106 -8.85 1.31 -9.86
C ASN A 106 -8.21 1.88 -11.13
N ALA A 107 -8.40 3.18 -11.38
CA ALA A 107 -7.81 3.79 -12.57
C ALA A 107 -6.30 3.90 -12.46
N TYR A 108 -5.77 4.04 -11.24
CA TYR A 108 -4.34 4.13 -11.01
C TYR A 108 -3.79 2.92 -10.25
N GLY A 109 -4.49 1.79 -10.31
CA GLY A 109 -4.02 0.58 -9.67
C GLY A 109 -5.01 -0.03 -8.70
N LEU A 110 -5.02 -1.36 -8.61
CA LEU A 110 -5.89 -2.05 -7.69
C LEU A 110 -5.50 -1.74 -6.24
N PRO A 111 -6.42 -1.93 -5.29
CA PRO A 111 -6.02 -1.91 -3.88
C PRO A 111 -4.98 -2.99 -3.61
N GLU A 112 -4.13 -2.73 -2.61
CA GLU A 112 -3.02 -3.64 -2.35
C GLU A 112 -3.52 -5.01 -1.93
N SER A 113 -4.56 -5.06 -1.09
CA SER A 113 -5.11 -6.34 -0.68
C SER A 113 -5.79 -7.04 -1.86
N GLU A 114 -6.54 -6.28 -2.67
CA GLU A 114 -7.17 -6.86 -3.85
C GLU A 114 -6.13 -7.36 -4.85
N PHE A 115 -4.97 -6.70 -4.92
CA PHE A 115 -3.93 -7.13 -5.83
C PHE A 115 -3.37 -8.49 -5.44
N LEU A 116 -3.25 -8.75 -4.13
CA LEU A 116 -2.76 -10.05 -3.68
C LEU A 116 -3.75 -11.16 -3.98
N ILE A 117 -5.05 -10.86 -3.96
CA ILE A 117 -6.04 -11.88 -4.28
C ILE A 117 -5.94 -12.28 -5.75
N VAL A 118 -5.69 -11.31 -6.62
CA VAL A 118 -5.54 -11.60 -8.05
C VAL A 118 -4.31 -12.47 -8.27
N LEU A 119 -3.17 -12.07 -7.69
CA LEU A 119 -1.95 -12.83 -7.91
C LEU A 119 -2.06 -14.23 -7.34
N ARG A 120 -2.77 -14.40 -6.23
CA ARG A 120 -2.92 -15.72 -5.64
C ARG A 120 -3.78 -16.62 -6.52
N ASP A 121 -4.92 -16.09 -6.99
CA ASP A 121 -5.81 -16.91 -7.82
C ASP A 121 -5.20 -17.18 -9.18
N VAL A 122 -4.55 -16.18 -9.78
CA VAL A 122 -3.94 -16.38 -11.10
C VAL A 122 -2.84 -17.42 -11.03
N VAL A 123 -1.97 -17.32 -10.02
CA VAL A 123 -0.91 -18.32 -9.86
C VAL A 123 -1.51 -19.67 -9.49
N GLY A 124 -2.49 -19.69 -8.59
CA GLY A 124 -3.09 -20.95 -8.18
C GLY A 124 -3.89 -21.61 -9.28
N GLY A 125 -4.42 -20.83 -10.21
CA GLY A 125 -5.21 -21.38 -11.30
C GLY A 125 -4.38 -21.99 -12.41
N MET A 126 -3.31 -21.30 -12.81
CA MET A 126 -2.46 -21.82 -13.88
C MET A 126 -1.67 -23.04 -13.42
N ASN A 127 -1.25 -23.07 -12.15
CA ASN A 127 -0.53 -24.23 -11.65
C ASN A 127 -1.40 -25.48 -11.71
N HIS A 128 -2.70 -25.35 -11.44
CA HIS A 128 -3.60 -26.49 -11.58
C HIS A 128 -3.80 -26.86 -13.04
N LEU A 129 -3.67 -25.89 -13.96
CA LEU A 129 -3.76 -26.19 -15.37
C LEU A 129 -2.47 -26.78 -15.93
N ARG A 130 -1.33 -26.45 -15.32
CA ARG A 130 -0.07 -27.07 -15.73
C ARG A 130 0.07 -28.48 -15.17
N GLU A 131 -0.49 -28.73 -13.98
CA GLU A 131 -0.54 -30.10 -13.47
C GLU A 131 -1.39 -30.99 -14.36
N ASN A 132 -2.31 -30.42 -15.14
CA ASN A 132 -3.09 -31.17 -16.10
C ASN A 132 -2.62 -31.00 -17.54
N GLY A 133 -1.83 -29.96 -17.82
CA GLY A 133 -1.25 -29.76 -19.13
C GLY A 133 -2.10 -28.98 -20.11
N ILE A 134 -2.57 -27.80 -19.70
CA ILE A 134 -3.36 -26.91 -20.55
C ILE A 134 -2.64 -25.57 -20.63
N VAL A 135 -2.30 -25.15 -21.84
CA VAL A 135 -1.63 -23.88 -22.06
C VAL A 135 -2.68 -22.82 -22.34
N HIS A 136 -2.56 -21.67 -21.68
CA HIS A 136 -3.59 -20.66 -21.80
C HIS A 136 -3.38 -19.76 -23.02
N ARG A 137 -2.13 -19.61 -23.48
CA ARG A 137 -1.77 -18.82 -24.66
C ARG A 137 -2.10 -17.34 -24.47
N ASP A 138 -3.35 -17.03 -24.17
CA ASP A 138 -3.79 -15.65 -23.97
C ASP A 138 -4.39 -15.51 -22.58
N ILE A 139 -3.74 -14.71 -21.73
CA ILE A 139 -4.21 -14.45 -20.38
C ILE A 139 -4.28 -12.94 -20.20
N LYS A 140 -5.50 -12.40 -20.21
CA LYS A 140 -5.76 -10.99 -20.06
C LYS A 140 -6.81 -10.78 -18.97
N PRO A 141 -7.00 -9.54 -18.51
CA PRO A 141 -8.09 -9.27 -17.56
C PRO A 141 -9.46 -9.72 -18.05
N GLY A 142 -9.61 -9.85 -19.37
CA GLY A 142 -10.85 -10.38 -19.92
C GLY A 142 -11.05 -11.86 -19.71
N ASN A 143 -9.97 -12.61 -19.53
CA ASN A 143 -10.02 -14.04 -19.29
C ASN A 143 -10.05 -14.40 -17.81
N ILE A 144 -10.17 -13.41 -16.94
CA ILE A 144 -10.14 -13.61 -15.49
C ILE A 144 -11.45 -13.05 -14.93
N MET A 145 -12.34 -13.94 -14.52
CA MET A 145 -13.62 -13.54 -13.95
C MET A 145 -13.48 -13.30 -12.45
N ARG A 146 -14.52 -12.70 -11.86
CA ARG A 146 -14.53 -12.36 -10.45
C ARG A 146 -15.81 -12.87 -9.81
N VAL A 147 -15.65 -13.68 -8.75
CA VAL A 147 -16.78 -14.19 -7.99
C VAL A 147 -16.58 -13.79 -6.53
N ILE A 148 -17.67 -13.41 -5.87
CA ILE A 148 -17.63 -13.08 -4.45
C ILE A 148 -17.73 -14.36 -3.65
N GLY A 149 -16.74 -14.61 -2.80
CA GLY A 149 -16.73 -15.82 -1.99
C GLY A 149 -17.70 -15.74 -0.81
N GLU A 150 -17.78 -16.86 -0.09
CA GLU A 150 -18.66 -16.94 1.07
C GLU A 150 -18.22 -16.04 2.20
N ASP A 151 -16.98 -15.54 2.15
CA ASP A 151 -16.46 -14.65 3.18
C ASP A 151 -16.45 -13.19 2.74
N GLY A 152 -16.97 -12.86 1.57
CA GLY A 152 -17.03 -11.50 1.09
C GLY A 152 -15.82 -11.05 0.29
N GLN A 153 -14.72 -11.79 0.33
CA GLN A 153 -13.55 -11.46 -0.46
C GLN A 153 -13.68 -12.01 -1.87
N SER A 154 -13.07 -11.30 -2.83
CA SER A 154 -13.18 -11.67 -4.22
C SER A 154 -12.48 -13.00 -4.50
N VAL A 155 -12.98 -13.71 -5.50
CA VAL A 155 -12.37 -14.95 -5.98
C VAL A 155 -12.30 -14.88 -7.49
N TYR A 156 -11.10 -15.02 -8.05
CA TYR A 156 -10.87 -14.86 -9.47
C TYR A 156 -10.65 -16.22 -10.13
N LYS A 157 -11.23 -16.40 -11.31
CA LYS A 157 -11.22 -17.68 -11.99
C LYS A 157 -10.90 -17.50 -13.47
N LEU A 158 -10.11 -18.41 -14.01
CA LEU A 158 -9.89 -18.47 -15.45
C LEU A 158 -11.02 -19.24 -16.12
N THR A 159 -11.24 -18.97 -17.40
CA THR A 159 -12.41 -19.53 -18.07
C THR A 159 -12.19 -19.87 -19.54
N ASP A 160 -11.62 -18.95 -20.32
CA ASP A 160 -11.59 -19.07 -21.77
C ASP A 160 -10.24 -19.65 -22.18
N PHE A 161 -10.21 -20.98 -22.34
CA PHE A 161 -9.00 -21.67 -22.80
C PHE A 161 -9.35 -22.97 -23.50
N GLU A 180 -4.31 -8.39 -28.53
CA GLU A 180 -3.31 -7.66 -29.31
C GLU A 180 -2.27 -7.03 -28.39
N GLU A 181 -2.73 -6.50 -27.25
CA GLU A 181 -1.83 -5.84 -26.31
C GLU A 181 -1.05 -6.82 -25.45
N TYR A 182 -1.49 -8.08 -25.36
CA TYR A 182 -0.91 -9.06 -24.46
C TYR A 182 -0.20 -10.18 -25.21
N LEU A 183 0.50 -9.83 -26.29
CA LEU A 183 1.15 -10.82 -27.13
C LEU A 183 2.67 -10.78 -26.94
N HIS A 184 3.28 -11.95 -27.10
CA HIS A 184 4.73 -12.04 -27.02
C HIS A 184 5.33 -11.46 -28.30
N PRO A 185 6.53 -10.85 -28.21
CA PRO A 185 7.15 -10.28 -29.42
C PRO A 185 7.30 -11.26 -30.55
N ASP A 186 7.63 -12.52 -30.24
CA ASP A 186 7.73 -13.52 -31.30
C ASP A 186 6.36 -13.97 -31.78
N MET A 187 5.38 -14.03 -30.88
CA MET A 187 4.01 -14.34 -31.28
C MET A 187 3.31 -13.14 -31.91
N TYR A 188 3.83 -11.93 -31.70
CA TYR A 188 3.21 -10.73 -32.25
C TYR A 188 3.29 -10.70 -33.77
N GLU A 189 4.30 -11.35 -34.35
CA GLU A 189 4.48 -11.36 -35.81
C GLU A 189 3.41 -12.21 -36.49
N ASP A 206 4.47 -17.50 -22.96
CA ASP A 206 3.24 -17.67 -22.20
C ASP A 206 3.22 -16.75 -20.98
N LEU A 207 4.38 -16.62 -20.32
CA LEU A 207 4.50 -15.76 -19.15
C LEU A 207 4.45 -14.27 -19.47
N TRP A 208 4.39 -13.90 -20.76
CA TRP A 208 4.39 -12.49 -21.12
C TRP A 208 3.11 -11.81 -20.68
N SER A 209 1.96 -12.31 -21.16
CA SER A 209 0.68 -11.69 -20.84
C SER A 209 0.40 -11.68 -19.34
N ILE A 210 1.03 -12.57 -18.57
CA ILE A 210 0.89 -12.54 -17.12
C ILE A 210 1.61 -11.32 -16.55
N GLY A 211 2.77 -10.99 -17.10
CA GLY A 211 3.49 -9.80 -16.64
C GLY A 211 2.78 -8.52 -17.04
N VAL A 212 2.15 -8.52 -18.22
CA VAL A 212 1.39 -7.35 -18.65
C VAL A 212 0.14 -7.19 -17.79
N THR A 213 -0.48 -8.30 -17.39
CA THR A 213 -1.68 -8.22 -16.57
C THR A 213 -1.37 -7.74 -15.16
N PHE A 214 -0.31 -8.29 -14.55
CA PHE A 214 0.06 -7.87 -13.20
C PHE A 214 0.48 -6.41 -13.17
N TYR A 215 1.23 -5.95 -14.19
CA TYR A 215 1.56 -4.54 -14.27
C TYR A 215 0.31 -3.70 -14.48
N HIS A 216 -0.62 -4.18 -15.31
CA HIS A 216 -1.86 -3.46 -15.53
C HIS A 216 -2.68 -3.37 -14.24
N ALA A 217 -2.69 -4.45 -13.46
CA ALA A 217 -3.46 -4.45 -12.22
C ALA A 217 -2.80 -3.64 -11.12
N ALA A 218 -1.50 -3.34 -11.25
CA ALA A 218 -0.76 -2.65 -10.20
C ALA A 218 -0.66 -1.15 -10.44
N THR A 219 -0.57 -0.74 -11.71
CA THR A 219 -0.48 0.68 -12.07
C THR A 219 -1.79 1.25 -12.59
N GLY A 220 -2.75 0.40 -12.96
CA GLY A 220 -3.94 0.91 -13.60
C GLY A 220 -3.75 1.31 -15.05
N SER A 221 -2.63 0.92 -15.64
CA SER A 221 -2.29 1.26 -17.01
C SER A 221 -1.42 0.15 -17.58
N LEU A 222 -1.33 0.14 -18.92
CA LEU A 222 -0.55 -0.83 -19.66
C LEU A 222 0.94 -0.49 -19.57
N PRO A 223 1.82 -1.51 -19.71
CA PRO A 223 3.27 -1.25 -19.61
C PRO A 223 3.86 -0.61 -20.86
N PHE A 224 3.29 -0.89 -22.03
CA PHE A 224 3.86 -0.47 -23.31
C PHE A 224 2.76 0.22 -24.11
N ARG A 225 2.76 1.55 -24.08
CA ARG A 225 1.77 2.33 -24.82
C ARG A 225 2.48 3.35 -25.70
N PRO A 226 2.21 3.36 -27.00
CA PRO A 226 2.70 4.47 -27.84
C PRO A 226 1.91 5.74 -27.59
N PHE A 227 2.00 6.70 -28.51
CA PHE A 227 1.31 7.97 -28.29
C PHE A 227 -0.19 7.84 -28.55
N GLU A 228 -0.57 7.59 -29.81
CA GLU A 228 -1.99 7.47 -30.17
C GLU A 228 -2.54 6.08 -29.88
N GLY A 229 -2.01 5.42 -28.85
CA GLY A 229 -2.48 4.11 -28.46
C GLY A 229 -2.09 3.03 -29.45
N PRO A 230 -2.12 1.77 -29.00
CA PRO A 230 -1.80 0.67 -29.90
C PRO A 230 -2.82 0.48 -31.02
N ARG A 231 -2.86 1.42 -31.97
CA ARG A 231 -3.75 1.30 -33.12
C ARG A 231 -2.96 1.54 -34.41
N ARG A 232 -2.93 2.79 -34.89
CA ARG A 232 -2.07 3.09 -36.04
C ARG A 232 -0.61 3.10 -35.64
N ASN A 233 -0.31 3.35 -34.37
CA ASN A 233 1.04 3.23 -33.85
C ASN A 233 1.33 1.78 -33.47
N LYS A 234 0.75 0.83 -34.21
CA LYS A 234 0.98 -0.59 -33.92
C LYS A 234 2.40 -1.00 -34.27
N GLU A 235 2.96 -0.43 -35.34
CA GLU A 235 4.36 -0.69 -35.66
C GLU A 235 5.29 -0.11 -34.60
N VAL A 236 4.88 0.99 -33.97
CA VAL A 236 5.62 1.52 -32.83
C VAL A 236 5.50 0.56 -31.65
N MET A 237 4.33 -0.06 -31.48
CA MET A 237 4.14 -1.01 -30.40
C MET A 237 5.10 -2.19 -30.54
N TYR A 238 5.33 -2.66 -31.77
CA TYR A 238 6.27 -3.76 -31.97
C TYR A 238 7.71 -3.29 -31.78
N LYS A 239 8.01 -2.06 -32.17
CA LYS A 239 9.35 -1.52 -31.91
C LYS A 239 9.60 -1.32 -30.42
N ILE A 240 8.53 -1.10 -29.66
CA ILE A 240 8.67 -0.96 -28.21
C ILE A 240 9.01 -2.30 -27.56
N ILE A 241 8.43 -3.39 -28.06
CA ILE A 241 8.68 -4.70 -27.46
C ILE A 241 10.04 -5.23 -27.89
N THR A 242 10.40 -5.07 -29.16
CA THR A 242 11.69 -5.55 -29.64
C THR A 242 12.85 -4.68 -29.18
N GLY A 243 12.60 -3.64 -28.37
CA GLY A 243 13.70 -2.85 -27.84
C GLY A 243 14.54 -3.62 -26.84
N LYS A 244 14.06 -4.80 -26.40
CA LYS A 244 14.61 -5.67 -25.38
C LYS A 244 15.43 -4.99 -24.30
N PRO A 245 14.87 -4.09 -23.50
CA PRO A 245 15.72 -3.42 -22.51
C PRO A 245 16.07 -4.31 -21.31
N SER A 246 15.38 -5.44 -21.16
CA SER A 246 15.55 -6.41 -20.07
C SER A 246 15.04 -5.89 -18.73
N GLY A 247 15.87 -5.12 -18.02
CA GLY A 247 15.51 -4.72 -16.67
C GLY A 247 14.29 -3.83 -16.58
N ALA A 248 14.08 -3.00 -17.60
CA ALA A 248 12.94 -2.09 -17.62
C ALA A 248 11.65 -2.83 -17.92
N ILE A 249 10.54 -2.28 -17.42
CA ILE A 249 9.23 -2.90 -17.58
C ILE A 249 8.21 -1.98 -18.24
N SER A 250 8.53 -0.71 -18.47
CA SER A 250 7.58 0.25 -19.00
C SER A 250 8.17 0.97 -20.19
N GLY A 251 7.29 1.50 -21.04
CA GLY A 251 7.69 2.27 -22.19
C GLY A 251 6.60 3.21 -22.64
N VAL A 252 6.72 4.48 -22.28
CA VAL A 252 5.67 5.47 -22.49
C VAL A 252 6.16 6.45 -23.54
N GLN A 253 5.46 6.51 -24.68
CA GLN A 253 5.75 7.46 -25.75
C GLN A 253 4.84 8.66 -25.55
N LYS A 254 5.34 9.68 -24.88
CA LYS A 254 4.54 10.85 -24.51
C LYS A 254 4.46 11.90 -25.62
N ALA A 255 4.95 11.60 -26.81
CA ALA A 255 4.85 12.51 -27.94
C ALA A 255 4.72 11.70 -29.22
N GLU A 256 3.95 12.23 -30.18
CA GLU A 256 3.71 11.53 -31.42
C GLU A 256 5.01 11.31 -32.18
N ASN A 257 5.32 10.05 -32.49
CA ASN A 257 6.56 9.65 -33.16
C ASN A 257 7.80 10.11 -32.41
N GLY A 258 7.68 10.32 -31.10
CA GLY A 258 8.79 10.79 -30.30
C GLY A 258 9.61 9.65 -29.71
N PRO A 259 10.12 9.85 -28.50
CA PRO A 259 10.95 8.82 -27.86
C PRO A 259 10.11 7.79 -27.13
N ILE A 260 10.77 6.96 -26.32
CA ILE A 260 10.10 5.96 -25.49
C ILE A 260 10.69 6.07 -24.10
N ASP A 261 9.89 6.54 -23.14
CA ASP A 261 10.36 6.76 -21.78
C ASP A 261 10.35 5.42 -21.04
N TRP A 262 11.53 4.81 -20.91
CA TRP A 262 11.64 3.54 -20.21
C TRP A 262 11.76 3.76 -18.71
N SER A 263 11.50 2.70 -17.96
CA SER A 263 11.61 2.70 -16.50
C SER A 263 11.62 1.27 -16.01
N GLY A 264 12.36 1.03 -14.93
CA GLY A 264 12.45 -0.29 -14.35
C GLY A 264 11.60 -0.45 -13.10
N ASP A 265 11.16 0.66 -12.53
CA ASP A 265 10.36 0.68 -11.31
C ASP A 265 8.91 1.03 -11.64
N MET A 266 8.04 0.84 -10.65
CA MET A 266 6.65 1.18 -10.80
C MET A 266 6.48 2.70 -10.79
N PRO A 267 5.43 3.23 -11.41
CA PRO A 267 5.18 4.67 -11.38
C PRO A 267 4.84 5.14 -9.97
N VAL A 268 4.84 6.46 -9.79
CA VAL A 268 4.54 7.02 -8.48
C VAL A 268 3.06 6.84 -8.14
N SER A 269 2.20 6.81 -9.14
CA SER A 269 0.76 6.64 -8.90
C SER A 269 0.41 5.24 -8.43
N CYS A 270 1.38 4.31 -8.39
CA CYS A 270 1.10 2.95 -7.96
C CYS A 270 0.57 2.93 -6.53
N SER A 271 -0.59 2.32 -6.35
CA SER A 271 -1.25 2.24 -5.06
C SER A 271 -0.78 1.06 -4.23
N LEU A 272 0.27 0.36 -4.66
CA LEU A 272 0.87 -0.69 -3.85
C LEU A 272 1.91 -0.08 -2.91
N SER A 273 2.18 -0.80 -1.82
CA SER A 273 3.19 -0.36 -0.88
C SER A 273 4.58 -0.45 -1.50
N ARG A 274 5.47 0.42 -1.04
CA ARG A 274 6.83 0.44 -1.56
C ARG A 274 7.54 -0.89 -1.29
N GLY A 275 7.18 -1.56 -0.21
CA GLY A 275 7.74 -2.88 0.05
C GLY A 275 7.26 -3.94 -0.90
N LEU A 276 6.04 -3.78 -1.43
CA LEU A 276 5.52 -4.74 -2.39
C LEU A 276 6.08 -4.49 -3.79
N GLN A 277 6.40 -3.23 -4.12
CA GLN A 277 7.01 -2.93 -5.40
C GLN A 277 8.39 -3.54 -5.51
N VAL A 278 9.15 -3.54 -4.41
CA VAL A 278 10.51 -4.08 -4.42
C VAL A 278 10.49 -5.57 -4.72
N LEU A 279 9.47 -6.29 -4.25
CA LEU A 279 9.37 -7.72 -4.50
C LEU A 279 8.67 -8.03 -5.82
N LEU A 280 7.91 -7.09 -6.37
CA LEU A 280 7.17 -7.32 -7.62
C LEU A 280 7.98 -6.97 -8.86
N THR A 281 8.80 -5.92 -8.78
CA THR A 281 9.59 -5.47 -9.92
C THR A 281 10.48 -6.54 -10.53
N PRO A 282 11.28 -7.29 -9.76
CA PRO A 282 12.13 -8.30 -10.41
C PRO A 282 11.34 -9.45 -11.01
N VAL A 283 10.13 -9.73 -10.51
CA VAL A 283 9.33 -10.80 -11.08
C VAL A 283 8.87 -10.43 -12.49
N LEU A 284 8.44 -9.19 -12.69
CA LEU A 284 7.98 -8.76 -14.00
C LEU A 284 9.16 -8.56 -14.96
N ALA A 285 10.24 -7.96 -14.48
CA ALA A 285 11.36 -7.63 -15.35
C ALA A 285 12.01 -8.88 -15.94
N ASN A 286 11.97 -9.99 -15.22
CA ASN A 286 12.56 -11.24 -15.68
C ASN A 286 11.60 -12.08 -16.51
N ILE A 287 10.34 -11.65 -16.65
CA ILE A 287 9.37 -12.33 -17.51
C ILE A 287 8.91 -11.41 -18.65
N LEU A 288 9.61 -10.31 -18.87
CA LEU A 288 9.26 -9.34 -19.90
C LEU A 288 10.46 -9.04 -20.80
N GLU A 289 11.04 -10.09 -21.36
CA GLU A 289 12.06 -9.95 -22.39
C GLU A 289 12.02 -11.18 -23.29
N ALA A 290 12.21 -10.96 -24.59
CA ALA A 290 12.01 -12.01 -25.58
C ALA A 290 13.00 -13.16 -25.45
N ASP A 291 14.11 -12.96 -24.76
CA ASP A 291 15.15 -13.98 -24.68
C ASP A 291 14.64 -15.16 -23.85
N GLN A 292 14.44 -16.30 -24.50
CA GLN A 292 14.21 -17.54 -23.76
C GLN A 292 15.41 -17.91 -22.91
N GLU A 293 16.60 -17.46 -23.33
CA GLU A 293 17.80 -17.62 -22.50
C GLU A 293 17.67 -16.86 -21.19
N LYS A 294 16.95 -15.73 -21.19
CA LYS A 294 16.78 -14.90 -20.02
C LYS A 294 15.36 -14.94 -19.46
N CYS A 295 14.53 -15.86 -19.93
CA CYS A 295 13.18 -16.03 -19.41
C CYS A 295 13.22 -16.94 -18.19
N TRP A 296 12.29 -16.68 -17.26
CA TRP A 296 12.31 -17.40 -15.99
C TRP A 296 11.77 -18.82 -16.11
N GLY A 297 10.64 -18.99 -16.79
CA GLY A 297 9.92 -20.23 -16.78
C GLY A 297 8.97 -20.30 -15.58
N PHE A 298 8.07 -21.28 -15.63
CA PHE A 298 7.02 -21.35 -14.62
C PHE A 298 7.58 -21.75 -13.26
N ASP A 299 8.63 -22.57 -13.23
CA ASP A 299 9.13 -23.08 -11.96
C ASP A 299 9.76 -21.98 -11.12
N GLN A 300 10.65 -21.18 -11.73
CA GLN A 300 11.16 -20.01 -11.02
C GLN A 300 10.09 -18.96 -10.79
N PHE A 301 9.12 -18.87 -11.70
CA PHE A 301 7.99 -17.97 -11.50
C PHE A 301 7.14 -18.41 -10.32
N PHE A 302 6.72 -19.68 -10.33
CA PHE A 302 5.88 -20.20 -9.25
C PHE A 302 6.62 -20.20 -7.91
N ALA A 303 7.95 -20.36 -7.94
CA ALA A 303 8.70 -20.35 -6.70
C ALA A 303 8.79 -18.95 -6.11
N GLU A 304 9.14 -17.96 -6.93
CA GLU A 304 9.28 -16.59 -6.43
C GLU A 304 7.94 -15.97 -6.09
N THR A 305 6.88 -16.32 -6.83
CA THR A 305 5.56 -15.82 -6.49
C THR A 305 5.04 -16.44 -5.20
N SER A 306 5.28 -17.73 -5.01
CA SER A 306 4.89 -18.37 -3.75
C SER A 306 5.67 -17.78 -2.58
N ASP A 307 6.88 -17.28 -2.83
CA ASP A 307 7.66 -16.64 -1.77
C ASP A 307 6.99 -15.35 -1.30
N ILE A 308 6.42 -14.58 -2.24
CA ILE A 308 5.79 -13.32 -1.88
C ILE A 308 4.51 -13.56 -1.11
N LEU A 309 3.68 -14.49 -1.58
CA LEU A 309 2.37 -14.72 -0.97
C LEU A 309 2.47 -15.33 0.42
N HIS A 310 3.59 -15.98 0.75
CA HIS A 310 3.76 -16.59 2.07
C HIS A 310 4.26 -15.61 3.11
N ARG A 311 4.41 -14.33 2.77
CA ARG A 311 4.94 -13.34 3.70
C ARG A 311 3.81 -12.60 4.39
N MET A 312 3.92 -12.45 5.71
CA MET A 312 2.98 -11.64 6.45
C MET A 312 3.44 -10.18 6.44
N VAL A 313 2.54 -9.29 6.85
CA VAL A 313 2.75 -7.85 6.78
C VAL A 313 2.97 -7.31 8.19
N ILE A 314 3.98 -6.46 8.36
CA ILE A 314 4.23 -5.75 9.61
C ILE A 314 4.17 -4.26 9.29
N HIS A 315 3.13 -3.59 9.77
CA HIS A 315 2.95 -2.18 9.51
C HIS A 315 3.87 -1.35 10.38
N VAL A 316 4.62 -0.45 9.76
CA VAL A 316 5.60 0.39 10.45
C VAL A 316 5.47 1.81 9.93
N PHE A 317 5.53 2.78 10.85
CA PHE A 317 5.41 4.19 10.51
C PHE A 317 6.65 4.93 11.03
N SER A 318 7.46 5.45 10.10
CA SER A 318 8.64 6.23 10.47
C SER A 318 8.18 7.59 10.99
N LEU A 319 8.22 7.76 12.31
CA LEU A 319 7.69 8.98 12.91
C LEU A 319 8.53 10.20 12.59
N GLN A 320 9.84 10.03 12.42
CA GLN A 320 10.69 11.17 12.13
C GLN A 320 10.68 11.55 10.66
N GLN A 321 10.46 10.57 9.77
CA GLN A 321 10.36 10.84 8.34
C GLN A 321 8.92 11.08 7.90
N MET A 322 7.94 10.83 8.77
CA MET A 322 6.52 10.95 8.45
C MET A 322 6.18 10.12 7.21
N THR A 323 6.53 8.83 7.29
CA THR A 323 6.28 7.89 6.21
C THR A 323 5.79 6.57 6.79
N ALA A 324 4.76 6.02 6.16
CA ALA A 324 4.24 4.71 6.52
C ALA A 324 4.76 3.66 5.55
N HIS A 325 4.96 2.44 6.06
CA HIS A 325 5.56 1.37 5.27
C HIS A 325 4.89 0.05 5.61
N LYS A 326 5.16 -0.95 4.77
CA LYS A 326 4.70 -2.32 5.00
C LYS A 326 5.88 -3.25 4.74
N ILE A 327 6.24 -4.04 5.75
CA ILE A 327 7.37 -4.95 5.65
C ILE A 327 6.81 -6.33 5.33
N TYR A 328 7.11 -6.83 4.13
CA TYR A 328 6.73 -8.18 3.71
C TYR A 328 7.82 -9.14 4.18
N ILE A 329 7.58 -9.79 5.31
CA ILE A 329 8.56 -10.68 5.94
C ILE A 329 7.88 -12.01 6.22
N HIS A 330 8.61 -13.11 5.99
CA HIS A 330 8.09 -14.43 6.28
C HIS A 330 7.87 -14.60 7.78
N SER A 331 6.86 -15.40 8.13
CA SER A 331 6.52 -15.62 9.52
C SER A 331 7.57 -16.41 10.28
N TYR A 332 8.52 -17.03 9.59
CA TYR A 332 9.58 -17.78 10.25
C TYR A 332 10.90 -17.01 10.33
N ASN A 333 10.99 -15.84 9.70
CA ASN A 333 12.20 -15.04 9.79
C ASN A 333 12.33 -14.43 11.18
N THR A 334 13.58 -14.09 11.53
CA THR A 334 13.87 -13.47 12.81
C THR A 334 13.74 -11.95 12.73
N ALA A 335 13.69 -11.32 13.91
CA ALA A 335 13.56 -9.86 13.95
C ALA A 335 14.80 -9.16 13.41
N THR A 336 15.94 -9.86 13.34
CA THR A 336 17.13 -9.26 12.74
C THR A 336 16.91 -9.00 11.26
N ILE A 337 16.37 -9.98 10.53
CA ILE A 337 16.01 -9.76 9.14
C ILE A 337 14.92 -8.71 9.02
N PHE A 338 14.05 -8.60 10.03
CA PHE A 338 13.03 -7.57 10.04
C PHE A 338 13.66 -6.17 10.09
N HIS A 339 14.68 -5.99 10.93
CA HIS A 339 15.36 -4.71 10.98
C HIS A 339 16.12 -4.43 9.69
N GLU A 340 16.55 -5.48 8.98
CA GLU A 340 17.20 -5.30 7.69
C GLU A 340 16.24 -4.70 6.67
N LEU A 341 15.02 -5.25 6.57
CA LEU A 341 14.04 -4.74 5.62
C LEU A 341 13.61 -3.32 5.98
N VAL A 342 13.58 -2.99 7.27
CA VAL A 342 13.26 -1.63 7.68
C VAL A 342 14.37 -0.66 7.24
N TYR A 343 15.62 -1.10 7.33
CA TYR A 343 16.72 -0.26 6.86
C TYR A 343 16.67 -0.08 5.34
N LYS A 344 16.37 -1.15 4.60
CA LYS A 344 16.30 -1.05 3.15
C LYS A 344 15.14 -0.19 2.69
N GLN A 345 14.18 0.12 3.57
CA GLN A 345 13.03 0.93 3.22
C GLN A 345 13.04 2.30 3.89
N THR A 346 13.89 2.51 4.91
CA THR A 346 13.95 3.79 5.60
C THR A 346 15.36 4.32 5.82
N LYS A 347 16.40 3.55 5.48
CA LYS A 347 17.80 3.95 5.67
C LYS A 347 18.15 4.21 7.14
N ILE A 348 17.36 3.68 8.07
CA ILE A 348 17.67 3.79 9.49
C ILE A 348 18.52 2.59 9.89
N ILE A 349 19.63 2.86 10.57
CA ILE A 349 20.53 1.79 10.98
C ILE A 349 19.82 0.86 11.95
N SER A 350 20.10 -0.44 11.83
CA SER A 350 19.35 -1.44 12.59
C SER A 350 19.50 -1.24 14.09
N SER A 351 20.71 -0.88 14.54
CA SER A 351 20.92 -0.66 15.96
C SER A 351 20.26 0.62 16.47
N ASN A 352 20.00 1.58 15.58
CA ASN A 352 19.37 2.83 15.96
C ASN A 352 17.85 2.78 15.93
N GLN A 353 17.27 1.64 15.53
CA GLN A 353 15.82 1.51 15.40
C GLN A 353 15.21 1.27 16.77
N GLU A 354 14.52 2.28 17.30
CA GLU A 354 13.79 2.19 18.55
C GLU A 354 12.30 2.17 18.24
N LEU A 355 11.60 1.17 18.76
CA LEU A 355 10.24 0.84 18.33
C LEU A 355 9.24 1.14 19.44
N ILE A 356 8.07 1.66 19.04
CA ILE A 356 6.98 2.00 19.94
C ILE A 356 5.72 1.31 19.47
N TYR A 357 4.94 0.78 20.41
CA TYR A 357 3.68 0.13 20.07
C TYR A 357 2.72 0.23 21.23
N GLU A 358 1.52 0.73 20.94
CA GLU A 358 0.44 0.86 21.93
C GLU A 358 0.90 1.61 23.17
N GLY A 359 1.53 2.76 22.94
CA GLY A 359 1.89 3.65 24.02
C GLY A 359 3.05 3.23 24.88
N ARG A 360 3.84 2.27 24.44
CA ARG A 360 4.98 1.80 25.21
C ARG A 360 6.14 1.48 24.27
N ARG A 361 7.34 1.43 24.84
CA ARG A 361 8.50 1.00 24.07
C ARG A 361 8.38 -0.48 23.72
N LEU A 362 9.07 -0.87 22.65
CA LEU A 362 9.02 -2.24 22.14
C LEU A 362 10.44 -2.72 21.87
N VAL A 363 10.85 -3.76 22.58
CA VAL A 363 12.17 -4.37 22.41
C VAL A 363 12.00 -5.66 21.63
N LEU A 364 12.69 -5.76 20.49
CA LEU A 364 12.63 -6.94 19.64
C LEU A 364 13.88 -7.78 19.84
N GLU A 365 13.70 -9.01 20.31
CA GLU A 365 14.82 -9.93 20.41
C GLU A 365 15.29 -10.32 19.01
N PRO A 366 16.60 -10.39 18.79
CA PRO A 366 17.10 -10.66 17.42
C PRO A 366 16.67 -12.00 16.85
N GLY A 367 16.21 -12.93 17.68
CA GLY A 367 15.80 -14.23 17.18
C GLY A 367 14.30 -14.44 17.23
N ARG A 368 13.56 -13.45 17.71
CA ARG A 368 12.12 -13.57 17.83
C ARG A 368 11.49 -13.63 16.44
N LEU A 369 10.74 -14.70 16.19
CA LEU A 369 10.16 -14.92 14.87
C LEU A 369 9.08 -13.86 14.57
N ALA A 370 8.81 -13.70 13.27
CA ALA A 370 7.89 -12.64 12.84
C ALA A 370 6.44 -12.98 13.16
N GLN A 371 6.09 -14.27 13.19
CA GLN A 371 4.72 -14.64 13.51
C GLN A 371 4.36 -14.41 14.98
N HIS A 372 5.34 -14.09 15.81
CA HIS A 372 5.09 -13.74 17.21
C HIS A 372 5.10 -12.24 17.45
N PHE A 373 5.32 -11.44 16.42
CA PHE A 373 5.20 -9.99 16.53
C PHE A 373 3.75 -9.63 16.85
N PRO A 374 3.50 -8.50 17.49
CA PRO A 374 2.12 -8.07 17.72
C PRO A 374 1.41 -7.73 16.41
N LYS A 375 0.14 -8.09 16.33
CA LYS A 375 -0.64 -7.82 15.13
C LYS A 375 -0.79 -6.32 14.92
N THR A 376 -0.53 -5.87 13.70
CA THR A 376 -0.54 -4.44 13.37
C THR A 376 -1.43 -4.19 12.18
N THR A 377 -1.99 -2.99 12.13
CA THR A 377 -2.81 -2.51 11.03
C THR A 377 -2.22 -1.21 10.50
N GLU A 378 -2.82 -0.70 9.42
CA GLU A 378 -2.40 0.60 8.90
C GLU A 378 -2.68 1.72 9.89
N GLU A 379 -3.60 1.52 10.83
CA GLU A 379 -3.96 2.52 11.81
C GLU A 379 -3.39 2.25 13.20
N ASN A 380 -2.71 1.12 13.39
CA ASN A 380 -2.06 0.78 14.65
C ASN A 380 -0.75 0.07 14.36
N PRO A 381 0.25 0.79 13.85
CA PRO A 381 1.51 0.12 13.45
C PRO A 381 2.57 0.17 14.54
N ILE A 382 3.80 -0.12 14.16
CA ILE A 382 4.96 -0.03 15.05
C ILE A 382 5.73 1.22 14.66
N PHE A 383 5.67 2.25 15.51
CA PHE A 383 6.40 3.49 15.23
C PHE A 383 7.89 3.27 15.45
N VAL A 384 8.69 3.68 14.47
CA VAL A 384 10.14 3.57 14.54
C VAL A 384 10.73 4.97 14.65
N VAL A 385 11.57 5.18 15.66
CA VAL A 385 12.30 6.44 15.83
C VAL A 385 13.77 6.10 16.01
N SER A 386 14.62 7.06 15.65
CA SER A 386 16.06 6.87 15.71
C SER A 386 16.72 8.06 16.38
N ARG A 387 17.85 7.80 17.04
CA ARG A 387 18.58 8.88 17.70
C ARG A 387 19.27 9.78 16.69
N GLU A 388 19.69 9.23 15.55
CA GLU A 388 20.32 10.04 14.52
C GLU A 388 19.28 10.98 13.91
N PRO A 389 19.67 12.21 13.57
CA PRO A 389 18.71 13.13 12.94
C PRO A 389 18.32 12.64 11.55
N LEU A 390 17.03 12.63 11.28
CA LEU A 390 16.48 12.13 10.03
C LEU A 390 15.77 13.25 9.27
N ASN A 391 15.87 13.22 7.94
CA ASN A 391 15.18 14.18 7.12
C ASN A 391 13.67 13.91 7.15
N THR A 392 12.89 14.97 7.31
CA THR A 392 11.44 14.87 7.33
C THR A 392 10.92 15.03 5.91
N ILE A 393 10.47 13.93 5.31
CA ILE A 393 10.06 13.92 3.91
C ILE A 393 8.55 14.04 3.76
N GLY A 394 7.80 13.19 4.44
CA GLY A 394 6.36 13.14 4.27
C GLY A 394 5.97 12.16 3.18
N LEU A 395 4.77 12.38 2.63
CA LEU A 395 4.26 11.52 1.58
C LEU A 395 4.66 12.05 0.21
N ILE A 396 5.11 11.15 -0.65
CA ILE A 396 5.50 11.47 -2.03
C ILE A 396 4.43 10.92 -2.95
N TYR A 397 3.83 11.79 -3.76
CA TYR A 397 2.79 11.39 -4.70
C TYR A 397 2.96 12.17 -6.00
N GLU A 398 2.37 11.63 -7.06
CA GLU A 398 2.40 12.28 -8.37
C GLU A 398 1.33 13.37 -8.42
N LYS A 399 1.77 14.60 -8.66
CA LYS A 399 0.87 15.76 -8.67
C LYS A 399 0.26 15.90 -10.05
N ILE A 400 -1.00 15.50 -10.19
CA ILE A 400 -1.72 15.55 -11.47
C ILE A 400 -2.74 16.66 -11.42
N SER A 401 -3.04 17.23 -12.58
CA SER A 401 -4.04 18.26 -12.74
C SER A 401 -5.19 17.74 -13.58
N LEU A 402 -6.31 18.46 -13.53
CA LEU A 402 -7.48 18.08 -14.30
C LEU A 402 -7.22 18.28 -15.79
N PRO A 403 -7.41 17.26 -16.62
CA PRO A 403 -7.39 17.50 -18.06
C PRO A 403 -8.59 18.30 -18.50
N LYS A 404 -8.39 19.15 -19.50
CA LYS A 404 -9.46 20.03 -19.96
C LYS A 404 -10.61 19.22 -20.57
N VAL A 405 -11.81 19.79 -20.48
CA VAL A 405 -13.02 19.17 -21.02
C VAL A 405 -13.29 19.78 -22.40
N HIS A 406 -13.54 18.92 -23.38
CA HIS A 406 -13.85 19.41 -24.72
C HIS A 406 -15.35 19.66 -24.85
N PRO A 407 -15.75 20.66 -25.64
CA PRO A 407 -17.18 20.91 -25.87
C PRO A 407 -17.80 20.05 -26.96
N ARG A 408 -16.99 19.24 -27.66
CA ARG A 408 -17.50 18.41 -28.74
C ARG A 408 -18.45 17.35 -28.20
N TYR A 409 -19.69 17.36 -28.68
CA TYR A 409 -20.65 16.32 -28.31
C TYR A 409 -20.23 15.00 -28.92
N ASP A 410 -19.43 14.23 -28.20
CA ASP A 410 -18.91 12.95 -28.68
C ASP A 410 -19.19 11.90 -27.62
N LEU A 411 -20.09 10.97 -27.93
CA LEU A 411 -20.46 9.93 -26.97
C LEU A 411 -19.24 9.09 -26.56
N ASP A 412 -18.35 8.82 -27.51
CA ASP A 412 -17.11 8.12 -27.18
C ASP A 412 -16.09 9.07 -26.58
N GLY A 413 -16.06 10.33 -27.03
CA GLY A 413 -15.11 11.27 -26.48
C GLY A 413 -15.42 11.64 -25.03
N ASP A 414 -16.69 11.94 -24.75
CA ASP A 414 -17.08 12.27 -23.38
C ASP A 414 -16.88 11.08 -22.44
N ALA A 415 -17.06 9.86 -22.94
CA ALA A 415 -16.87 8.69 -22.10
C ALA A 415 -15.40 8.51 -21.73
N SER A 416 -14.51 8.54 -22.73
CA SER A 416 -13.09 8.44 -22.44
C SER A 416 -12.59 9.65 -21.65
N MET A 417 -13.27 10.79 -21.79
CA MET A 417 -12.91 11.97 -20.99
C MET A 417 -13.42 11.82 -19.56
N ALA A 418 -14.65 11.30 -19.39
CA ALA A 418 -15.20 11.15 -18.04
C ALA A 418 -14.48 10.07 -17.25
N LYS A 419 -13.90 9.08 -17.93
CA LYS A 419 -13.21 8.01 -17.22
C LYS A 419 -11.90 8.49 -16.62
N ALA A 420 -11.13 9.28 -17.39
CA ALA A 420 -9.84 9.75 -16.89
C ALA A 420 -10.01 10.78 -15.78
N ILE A 421 -11.00 11.66 -15.90
CA ILE A 421 -11.16 12.73 -14.93
C ILE A 421 -11.70 12.19 -13.60
N THR A 422 -12.55 11.17 -13.64
CA THR A 422 -13.04 10.59 -12.40
C THR A 422 -11.95 9.77 -11.70
N GLY A 423 -11.06 9.14 -12.47
CA GLY A 423 -9.93 8.48 -11.87
C GLY A 423 -8.95 9.43 -11.22
N VAL A 424 -8.87 10.66 -11.74
CA VAL A 424 -8.02 11.67 -11.12
C VAL A 424 -8.57 12.07 -9.76
N VAL A 425 -9.89 12.26 -9.67
CA VAL A 425 -10.51 12.62 -8.40
C VAL A 425 -10.38 11.49 -7.39
N CYS A 426 -10.50 10.24 -7.86
CA CYS A 426 -10.23 9.10 -6.99
C CYS A 426 -8.81 9.13 -6.46
N TYR A 427 -7.85 9.46 -7.32
CA TYR A 427 -6.46 9.57 -6.87
C TYR A 427 -6.30 10.73 -5.89
N ALA A 428 -6.97 11.85 -6.15
CA ALA A 428 -6.97 12.95 -5.20
C ALA A 428 -7.75 12.61 -3.94
N CYS A 429 -8.80 11.79 -4.08
CA CYS A 429 -9.51 11.32 -2.89
C CYS A 429 -8.70 10.25 -2.16
N ARG A 430 -7.87 9.50 -2.88
CA ARG A 430 -6.99 8.53 -2.24
C ARG A 430 -5.89 9.22 -1.44
N ILE A 431 -5.20 10.18 -2.07
CA ILE A 431 -4.12 10.88 -1.38
C ILE A 431 -4.65 11.67 -0.21
N ALA A 432 -5.88 12.18 -0.32
CA ALA A 432 -6.46 12.95 0.78
C ALA A 432 -6.64 12.10 2.03
N SER A 433 -7.10 10.86 1.86
CA SER A 433 -7.26 9.97 3.01
C SER A 433 -5.92 9.50 3.54
N THR A 434 -4.89 9.44 2.68
CA THR A 434 -3.57 9.05 3.14
C THR A 434 -2.91 10.15 3.95
N LEU A 435 -3.08 11.40 3.53
CA LEU A 435 -2.55 12.53 4.30
C LEU A 435 -3.23 12.64 5.65
N LEU A 436 -4.55 12.40 5.69
CA LEU A 436 -5.26 12.39 6.97
C LEU A 436 -4.76 11.27 7.87
N LEU A 437 -4.49 10.10 7.29
CA LEU A 437 -3.94 8.98 8.07
C LEU A 437 -2.55 9.33 8.60
N TYR A 438 -1.71 9.92 7.76
CA TYR A 438 -0.37 10.29 8.19
C TYR A 438 -0.41 11.27 9.36
N GLN A 439 -1.34 12.23 9.32
CA GLN A 439 -1.42 13.21 10.39
C GLN A 439 -1.96 12.60 11.67
N GLU A 440 -2.99 11.76 11.57
CA GLU A 440 -3.53 11.11 12.76
C GLU A 440 -2.55 10.08 13.32
N LEU A 441 -1.79 9.40 12.47
CA LEU A 441 -0.71 8.54 12.95
C LEU A 441 0.38 9.38 13.60
N MET A 442 0.61 10.59 13.08
CA MET A 442 1.61 11.47 13.67
C MET A 442 1.21 11.90 15.07
N ARG A 443 -0.08 12.22 15.27
CA ARG A 443 -0.53 12.68 16.57
C ARG A 443 -0.40 11.59 17.62
N LYS A 444 -0.75 10.35 17.28
CA LYS A 444 -0.59 9.24 18.22
C LYS A 444 0.88 8.97 18.51
N GLY A 445 1.72 8.97 17.48
CA GLY A 445 3.13 8.71 17.68
C GLY A 445 3.82 9.77 18.50
N ILE A 446 3.42 11.02 18.35
CA ILE A 446 4.00 12.10 19.15
C ILE A 446 3.45 12.06 20.58
N ARG A 447 2.12 11.91 20.71
CA ARG A 447 1.53 11.81 22.05
C ARG A 447 2.05 10.60 22.82
N TRP A 448 2.53 9.57 22.12
CA TRP A 448 3.15 8.44 22.78
C TRP A 448 4.61 8.72 23.13
N LEU A 449 5.37 9.24 22.16
CA LEU A 449 6.80 9.44 22.37
C LEU A 449 7.08 10.38 23.53
N ILE A 450 6.21 11.37 23.75
CA ILE A 450 6.39 12.25 24.90
C ILE A 450 6.17 11.49 26.20
N GLU A 451 5.29 10.48 26.19
CA GLU A 451 5.11 9.66 27.39
C GLU A 451 6.27 8.70 27.58
N LEU A 452 6.89 8.25 26.49
CA LEU A 452 8.07 7.41 26.60
C LEU A 452 9.28 8.19 27.07
N ILE A 453 9.39 9.47 26.67
CA ILE A 453 10.46 10.33 27.19
C ILE A 453 10.22 10.64 28.65
N LYS A 454 8.97 10.90 29.03
CA LYS A 454 8.64 11.11 30.43
C LYS A 454 8.84 9.85 31.27
N ASP A 455 8.87 8.67 30.62
CA ASP A 455 9.22 7.44 31.35
C ASP A 455 10.73 7.33 31.55
N ASP A 456 11.52 7.75 30.57
CA ASP A 456 12.97 7.79 30.75
C ASP A 456 13.35 8.82 31.80
N TYR A 457 12.62 9.94 31.85
CA TYR A 457 12.87 10.94 32.89
C TYR A 457 12.53 10.40 34.27
N ASN A 458 11.42 9.66 34.39
CA ASN A 458 11.03 9.12 35.68
C ASN A 458 11.99 8.04 36.16
N GLU A 459 12.62 7.30 35.23
CA GLU A 459 13.65 6.35 35.64
C GLU A 459 14.91 7.05 36.10
N THR A 460 15.20 8.23 35.54
CA THR A 460 16.36 8.99 35.97
C THR A 460 16.19 9.48 37.41
N VAL A 461 14.97 9.84 37.80
CA VAL A 461 14.70 10.27 39.17
C VAL A 461 14.89 9.09 40.13
N HIS A 462 14.57 7.87 39.69
CA HIS A 462 14.80 6.70 40.54
C HIS A 462 16.28 6.53 40.85
N LYS A 463 17.14 6.66 39.83
CA LYS A 463 18.57 6.61 40.05
C LYS A 463 19.13 7.86 40.70
N LYS A 464 18.37 8.96 40.71
CA LYS A 464 18.80 10.14 41.45
C LYS A 464 18.57 9.97 42.95
N THR A 465 17.41 9.43 43.34
CA THR A 465 17.15 9.16 44.75
C THR A 465 18.10 8.12 45.31
N GLU A 466 18.55 7.18 44.47
CA GLU A 466 19.53 6.19 44.92
C GLU A 466 20.89 6.82 45.18
N VAL A 467 21.21 7.90 44.46
CA VAL A 467 22.48 8.58 44.67
C VAL A 467 22.39 9.63 45.78
N VAL A 468 21.25 10.34 45.86
CA VAL A 468 21.08 11.34 46.92
C VAL A 468 21.07 10.68 48.30
N ILE A 469 20.40 9.53 48.42
CA ILE A 469 20.39 8.80 49.69
C ILE A 469 21.79 8.32 50.03
N THR A 470 22.51 7.78 49.05
CA THR A 470 23.87 7.33 49.29
C THR A 470 24.79 8.50 49.63
N LEU A 471 24.61 9.63 48.93
CA LEU A 471 25.44 10.80 49.20
C LEU A 471 25.26 11.29 50.63
N ASP A 472 24.01 11.48 51.07
CA ASP A 472 23.76 12.01 52.40
C ASP A 472 24.22 11.03 53.48
N PHE A 473 23.87 9.76 53.33
CA PHE A 473 24.24 8.77 54.34
C PHE A 473 25.74 8.46 54.34
N CYS A 474 26.51 9.01 53.41
CA CYS A 474 27.95 8.87 53.40
C CYS A 474 28.69 10.16 53.68
N ILE A 475 28.12 11.31 53.31
CA ILE A 475 28.78 12.57 53.64
C ILE A 475 28.55 12.94 55.09
N ARG A 476 27.45 12.48 55.69
CA ARG A 476 27.14 12.76 57.09
C ARG A 476 27.69 11.70 58.04
N ASN A 477 27.80 10.45 57.60
CA ASN A 477 28.44 9.43 58.42
C ASN A 477 29.91 9.72 58.64
N ILE A 478 30.53 10.51 57.75
CA ILE A 478 31.90 10.96 57.97
C ILE A 478 31.92 12.08 59.00
N GLU A 479 30.97 13.01 58.93
CA GLU A 479 30.86 14.07 59.92
C GLU A 479 30.70 13.51 61.33
N LYS A 480 30.03 12.37 61.45
CA LYS A 480 29.85 11.75 62.76
C LYS A 480 31.18 11.31 63.35
N THR A 481 32.00 10.62 62.55
CA THR A 481 33.29 10.12 63.05
C THR A 481 34.27 11.27 63.29
N VAL A 482 34.21 12.32 62.49
CA VAL A 482 35.11 13.46 62.65
C VAL A 482 34.82 14.17 63.96
N GLU A 497 46.34 12.67 58.59
CA GLU A 497 45.08 12.20 59.18
C GLU A 497 43.94 13.17 58.88
N LEU A 498 44.28 14.45 58.74
CA LEU A 498 43.29 15.45 58.32
C LEU A 498 43.19 15.55 56.82
N GLY A 499 44.28 15.29 56.10
CA GLY A 499 44.23 15.25 54.65
C GLY A 499 43.44 14.08 54.10
N GLU A 500 43.35 13.00 54.88
CA GLU A 500 42.58 11.84 54.46
C GLU A 500 41.07 12.05 54.62
N ILE A 501 40.65 13.12 55.30
CA ILE A 501 39.25 13.44 55.46
C ILE A 501 38.87 14.71 54.71
N SER A 502 39.74 15.73 54.74
CA SER A 502 39.46 16.95 54.01
C SER A 502 39.44 16.73 52.50
N ASP A 503 40.25 15.78 52.01
CA ASP A 503 40.22 15.45 50.58
C ASP A 503 38.89 14.81 50.20
N ILE A 504 38.22 14.15 51.14
CA ILE A 504 36.92 13.55 50.84
C ILE A 504 35.86 14.63 50.69
N HIS A 505 35.85 15.61 51.60
CA HIS A 505 34.85 16.67 51.54
C HIS A 505 35.07 17.59 50.34
N THR A 506 36.33 17.83 49.96
CA THR A 506 36.58 18.52 48.70
C THR A 506 36.17 17.70 47.49
N LYS A 507 35.90 16.40 47.67
CA LYS A 507 35.37 15.55 46.62
C LYS A 507 33.90 15.19 46.83
N LEU A 508 33.45 15.08 48.07
CA LEU A 508 32.02 14.83 48.32
C LEU A 508 31.18 16.06 48.02
N LEU A 509 31.72 17.25 48.25
CA LEU A 509 30.99 18.47 47.93
C LEU A 509 31.02 18.81 46.44
N ARG A 510 32.04 18.35 45.72
CA ARG A 510 32.03 18.47 44.26
C ARG A 510 30.97 17.57 43.64
N LEU A 511 30.68 16.43 44.28
CA LEU A 511 29.66 15.53 43.76
C LEU A 511 28.26 16.12 43.96
N SER A 512 27.95 16.51 45.21
CA SER A 512 26.64 17.10 45.49
C SER A 512 26.41 18.39 44.74
N SER A 513 27.48 19.09 44.36
CA SER A 513 27.32 20.28 43.53
C SER A 513 27.01 19.92 42.09
N SER A 514 27.76 18.97 41.51
CA SER A 514 27.45 18.52 40.16
C SER A 514 26.19 17.67 40.11
N GLN A 515 25.83 17.02 41.22
CA GLN A 515 24.56 16.32 41.29
C GLN A 515 23.39 17.30 41.32
N GLY A 516 23.57 18.46 41.95
CA GLY A 516 22.51 19.46 41.96
C GLY A 516 22.28 20.08 40.60
N THR A 517 23.35 20.33 39.85
CA THR A 517 23.21 20.89 38.51
C THR A 517 22.44 19.93 37.60
N ILE A 518 22.53 18.63 37.86
CA ILE A 518 21.69 17.68 37.15
C ILE A 518 20.23 17.85 37.56
N GLU A 519 19.99 18.06 38.86
CA GLU A 519 18.62 18.25 39.34
C GLU A 519 17.99 19.51 38.73
N THR A 520 18.77 20.57 38.58
CA THR A 520 18.25 21.79 37.99
C THR A 520 17.96 21.60 36.50
N SER A 521 18.90 20.99 35.77
CA SER A 521 18.69 20.71 34.36
C SER A 521 17.70 19.58 34.12
N LEU A 522 17.35 18.80 35.16
CA LEU A 522 16.28 17.82 35.04
C LEU A 522 14.91 18.49 35.19
N GLN A 523 14.74 19.28 36.25
CA GLN A 523 13.48 20.01 36.43
C GLN A 523 13.26 21.01 35.30
N ASP A 524 14.32 21.40 34.59
CA ASP A 524 14.13 22.18 33.37
C ASP A 524 13.47 21.34 32.29
N ILE A 525 13.89 20.07 32.14
CA ILE A 525 13.28 19.19 31.16
C ILE A 525 11.86 18.83 31.58
N ASP A 526 11.63 18.63 32.88
CA ASP A 526 10.27 18.47 33.37
C ASP A 526 9.41 19.68 33.05
N SER A 527 10.00 20.87 33.04
CA SER A 527 9.29 22.06 32.62
C SER A 527 9.14 22.16 31.11
N ARG A 528 9.94 21.41 30.36
CA ARG A 528 9.78 21.35 28.91
C ARG A 528 8.77 20.30 28.47
N LEU A 529 8.63 19.22 29.23
CA LEU A 529 7.64 18.18 28.95
C LEU A 529 6.29 18.46 29.61
N SER A 530 6.09 19.68 30.11
CA SER A 530 4.84 20.14 30.68
C SER A 530 4.00 20.84 29.63
N PRO A 531 2.69 21.00 29.88
CA PRO A 531 1.84 21.72 28.90
C PRO A 531 2.36 23.11 28.57
N GLY A 532 2.57 23.38 27.29
CA GLY A 532 3.06 24.67 26.86
C GLY A 532 4.51 24.96 27.20
N GLY A 533 5.32 23.92 27.39
CA GLY A 533 6.71 24.11 27.75
C GLY A 533 7.66 24.00 26.58
N SER A 534 7.31 24.63 25.46
CA SER A 534 8.13 24.64 24.24
C SER A 534 8.42 23.24 23.73
N LEU A 535 7.51 22.29 23.99
CA LEU A 535 7.65 20.95 23.47
C LEU A 535 6.33 20.19 23.59
N ALA A 536 5.24 20.91 23.82
CA ALA A 536 3.94 20.29 23.94
C ALA A 536 3.43 19.85 22.58
N ASP A 537 2.68 18.74 22.57
CA ASP A 537 2.07 18.22 21.36
C ASP A 537 0.75 18.90 21.02
N ALA A 538 0.49 20.08 21.59
CA ALA A 538 -0.79 20.75 21.35
C ALA A 538 -0.90 21.29 19.93
N TRP A 539 0.23 21.63 19.30
CA TRP A 539 0.19 22.16 17.95
C TRP A 539 -0.29 21.13 16.94
N ALA A 540 -0.07 19.83 17.22
CA ALA A 540 -0.47 18.79 16.29
C ALA A 540 -1.99 18.72 16.14
N HIS A 541 -2.73 19.07 17.20
CA HIS A 541 -4.18 19.08 17.15
C HIS A 541 -4.75 20.34 16.53
N GLN A 542 -3.91 21.36 16.26
CA GLN A 542 -4.38 22.65 15.81
C GLN A 542 -3.67 23.14 14.56
N GLU A 543 -3.30 22.22 13.66
CA GLU A 543 -2.58 22.64 12.46
C GLU A 543 -3.15 21.99 11.20
N GLY A 544 -3.02 20.68 11.09
CA GLY A 544 -3.44 19.96 9.89
C GLY A 544 -4.93 19.70 9.86
N THR A 545 -5.30 18.71 9.06
CA THR A 545 -6.69 18.30 8.91
C THR A 545 -7.04 17.24 9.95
N HIS A 546 -8.33 17.14 10.25
CA HIS A 546 -8.87 16.21 11.23
C HIS A 546 -10.06 15.48 10.64
N PRO A 547 -10.41 14.31 11.18
CA PRO A 547 -11.67 13.66 10.77
C PRO A 547 -12.90 14.48 11.10
N LYS A 548 -12.79 15.48 11.99
CA LYS A 548 -13.91 16.36 12.28
C LYS A 548 -14.24 17.24 11.08
N ASP A 549 -13.21 17.68 10.35
CA ASP A 549 -13.43 18.47 9.14
C ASP A 549 -14.12 17.67 8.06
N ARG A 550 -14.01 16.34 8.09
CA ARG A 550 -14.71 15.45 7.17
C ARG A 550 -14.32 15.75 5.72
N ASN A 551 -13.02 15.94 5.48
CA ASN A 551 -12.54 16.32 4.16
C ASN A 551 -12.60 15.15 3.18
N VAL A 552 -12.28 13.94 3.65
CA VAL A 552 -12.28 12.78 2.77
C VAL A 552 -13.70 12.49 2.27
N GLU A 553 -14.69 12.70 3.13
CA GLU A 553 -16.08 12.46 2.75
C GLU A 553 -16.60 13.58 1.86
N LYS A 554 -16.17 14.82 2.09
CA LYS A 554 -16.58 15.91 1.22
C LYS A 554 -16.10 15.67 -0.21
N LEU A 555 -14.92 15.07 -0.36
CA LEU A 555 -14.44 14.70 -1.69
C LEU A 555 -15.17 13.48 -2.21
N GLN A 556 -15.58 12.57 -1.32
CA GLN A 556 -16.28 11.37 -1.76
C GLN A 556 -17.69 11.70 -2.25
N VAL A 557 -18.27 12.80 -1.78
CA VAL A 557 -19.58 13.22 -2.25
C VAL A 557 -19.50 13.63 -3.73
N LEU A 558 -18.57 14.52 -4.05
CA LEU A 558 -18.38 14.92 -5.44
C LEU A 558 -17.89 13.77 -6.31
N LEU A 559 -17.29 12.74 -5.70
CA LEU A 559 -16.78 11.63 -6.48
C LEU A 559 -17.90 10.73 -6.96
N ASN A 560 -18.92 10.50 -6.13
CA ASN A 560 -20.04 9.66 -6.55
C ASN A 560 -20.84 10.34 -7.66
N CYS A 561 -21.05 11.65 -7.56
CA CYS A 561 -21.74 12.36 -8.62
C CYS A 561 -20.98 12.28 -9.94
N MET A 562 -19.64 12.38 -9.87
CA MET A 562 -18.84 12.22 -11.08
C MET A 562 -18.85 10.78 -11.59
N THR A 563 -18.98 9.81 -10.68
CA THR A 563 -19.07 8.41 -11.10
C THR A 563 -20.44 8.10 -11.70
N GLU A 564 -21.51 8.63 -11.11
CA GLU A 564 -22.84 8.43 -11.69
C GLU A 564 -22.92 9.06 -13.07
N ILE A 565 -22.27 10.21 -13.26
CA ILE A 565 -22.22 10.82 -14.59
C ILE A 565 -21.35 9.98 -15.53
N TYR A 566 -20.26 9.42 -15.01
CA TYR A 566 -19.43 8.55 -15.83
C TYR A 566 -20.18 7.27 -16.22
N TYR A 567 -20.77 6.59 -15.23
CA TYR A 567 -21.53 5.38 -15.53
C TYR A 567 -22.68 5.66 -16.49
N GLN A 568 -23.24 6.86 -16.45
CA GLN A 568 -24.28 7.22 -17.41
C GLN A 568 -23.69 7.44 -18.79
N PHE A 569 -22.54 8.10 -18.87
CA PHE A 569 -21.87 8.28 -20.16
C PHE A 569 -21.37 6.95 -20.70
N LYS A 570 -21.00 6.01 -19.81
CA LYS A 570 -20.67 4.66 -20.25
C LYS A 570 -21.89 3.96 -20.85
N LYS A 571 -23.09 4.26 -20.34
CA LYS A 571 -24.31 3.77 -20.96
C LYS A 571 -24.68 4.60 -22.19
N ASP A 572 -24.36 5.89 -22.18
CA ASP A 572 -24.64 6.73 -23.36
C ASP A 572 -23.80 6.32 -24.55
N LYS A 573 -22.62 5.72 -24.32
CA LYS A 573 -21.79 5.28 -25.42
C LYS A 573 -22.32 3.98 -26.04
N ALA A 574 -22.89 3.11 -25.22
CA ALA A 574 -23.49 1.87 -25.74
C ALA A 574 -24.59 2.19 -26.74
N GLU A 575 -25.50 3.09 -26.38
CA GLU A 575 -26.47 3.60 -27.34
C GLU A 575 -25.76 4.43 -28.40
N ARG A 576 -26.02 4.11 -29.68
CA ARG A 576 -25.28 4.76 -30.75
C ARG A 576 -25.61 6.25 -30.85
N ARG A 577 -26.88 6.61 -30.65
CA ARG A 577 -27.30 8.00 -30.67
C ARG A 577 -28.36 8.21 -29.60
N LEU A 578 -28.49 9.46 -29.17
CA LEU A 578 -29.47 9.86 -28.17
C LEU A 578 -30.51 10.77 -28.80
N ALA A 579 -31.70 10.79 -28.20
CA ALA A 579 -32.75 11.69 -28.63
C ALA A 579 -32.42 13.12 -28.20
N TYR A 580 -33.19 14.07 -28.71
CA TYR A 580 -32.94 15.48 -28.42
C TYR A 580 -33.03 15.75 -26.93
N ASN A 581 -34.00 15.16 -26.25
CA ASN A 581 -34.12 15.35 -24.81
C ASN A 581 -32.92 14.75 -24.08
N GLU A 582 -32.60 13.49 -24.40
CA GLU A 582 -31.48 12.83 -23.75
C GLU A 582 -30.15 13.47 -24.13
N GLU A 583 -30.07 14.06 -25.31
CA GLU A 583 -28.84 14.73 -25.73
C GLU A 583 -28.53 15.92 -24.83
N GLN A 584 -29.55 16.68 -24.43
CA GLN A 584 -29.29 17.83 -23.58
C GLN A 584 -28.96 17.44 -22.15
N ILE A 585 -29.46 16.28 -21.69
CA ILE A 585 -29.07 15.77 -20.38
C ILE A 585 -27.61 15.31 -20.41
N HIS A 586 -27.21 14.65 -21.50
CA HIS A 586 -25.80 14.28 -21.65
C HIS A 586 -24.90 15.50 -21.71
N LYS A 587 -25.40 16.61 -22.24
CA LYS A 587 -24.62 17.84 -22.29
C LYS A 587 -24.64 18.59 -20.97
N PHE A 588 -25.81 18.69 -20.34
CA PHE A 588 -25.93 19.44 -19.09
C PHE A 588 -25.11 18.78 -17.98
N ASP A 589 -25.16 17.46 -17.87
CA ASP A 589 -24.36 16.78 -16.86
C ASP A 589 -22.89 16.73 -17.22
N LYS A 590 -22.54 16.87 -18.50
CA LYS A 590 -21.14 16.99 -18.88
C LYS A 590 -20.53 18.27 -18.34
N GLN A 591 -21.33 19.35 -18.25
CA GLN A 591 -20.87 20.58 -17.64
C GLN A 591 -20.82 20.48 -16.12
N LYS A 592 -21.75 19.72 -15.52
CA LYS A 592 -21.69 19.50 -14.08
C LYS A 592 -20.50 18.63 -13.71
N LEU A 593 -20.01 17.81 -14.64
CA LEU A 593 -18.81 17.01 -14.38
C LEU A 593 -17.59 17.90 -14.20
N TYR A 594 -17.57 19.06 -14.84
CA TYR A 594 -16.46 19.99 -14.69
C TYR A 594 -16.55 20.77 -13.37
N TYR A 595 -17.75 21.23 -13.01
CA TYR A 595 -17.91 21.99 -11.78
C TYR A 595 -17.70 21.12 -10.55
N HIS A 596 -17.92 19.82 -10.66
CA HIS A 596 -17.63 18.91 -9.55
C HIS A 596 -16.13 18.70 -9.41
N ALA A 597 -15.44 18.45 -10.53
CA ALA A 597 -14.00 18.24 -10.48
C ALA A 597 -13.27 19.52 -10.08
N THR A 598 -13.72 20.66 -10.58
CA THR A 598 -13.11 21.93 -10.20
C THR A 598 -13.35 22.24 -8.72
N LYS A 599 -14.57 21.98 -8.23
CA LYS A 599 -14.86 22.20 -6.82
C LYS A 599 -14.06 21.26 -5.93
N ALA A 600 -13.78 20.04 -6.40
CA ALA A 600 -13.02 19.10 -5.58
C ALA A 600 -11.55 19.47 -5.54
N MET A 601 -10.96 19.81 -6.70
CA MET A 601 -9.55 20.16 -6.73
C MET A 601 -9.26 21.44 -5.96
N THR A 602 -10.23 22.36 -5.92
CA THR A 602 -10.07 23.55 -5.09
C THR A 602 -10.04 23.18 -3.62
N HIS A 603 -11.00 22.36 -3.18
CA HIS A 603 -11.04 21.96 -1.77
C HIS A 603 -9.86 21.06 -1.41
N PHE A 604 -9.34 20.30 -2.37
CA PHE A 604 -8.20 19.42 -2.09
C PHE A 604 -6.93 20.23 -1.88
N THR A 605 -6.60 21.12 -2.81
CA THR A 605 -5.34 21.84 -2.72
C THR A 605 -5.41 22.98 -1.70
N ASP A 606 -6.53 23.71 -1.66
CA ASP A 606 -6.65 24.88 -0.80
C ASP A 606 -7.10 24.54 0.62
N GLU A 607 -7.09 23.27 1.01
CA GLU A 607 -7.50 22.89 2.36
C GLU A 607 -6.74 21.66 2.84
N CYS A 608 -6.73 20.60 2.03
CA CYS A 608 -6.07 19.36 2.45
C CYS A 608 -4.55 19.45 2.34
N VAL A 609 -4.06 20.02 1.23
CA VAL A 609 -2.62 20.10 1.02
C VAL A 609 -2.00 21.22 1.85
N LYS A 610 -2.66 22.38 1.90
CA LYS A 610 -2.14 23.50 2.67
C LYS A 610 -2.03 23.17 4.16
N LYS A 611 -3.09 22.59 4.72
CA LYS A 611 -3.05 22.20 6.13
C LYS A 611 -2.05 21.08 6.37
N TYR A 612 -1.85 20.19 5.39
CA TYR A 612 -0.88 19.12 5.53
C TYR A 612 0.54 19.65 5.54
N GLU A 613 0.86 20.52 4.57
CA GLU A 613 2.21 21.07 4.49
C GLU A 613 2.50 22.02 5.65
N ALA A 614 1.46 22.63 6.23
CA ALA A 614 1.65 23.44 7.42
C ALA A 614 1.90 22.54 8.64
N PHE A 615 1.25 21.38 8.69
CA PHE A 615 1.50 20.43 9.77
C PHE A 615 2.87 19.79 9.61
N LEU A 616 3.23 19.40 8.39
CA LEU A 616 4.53 18.78 8.15
C LEU A 616 5.67 19.73 8.48
N ASN A 617 5.53 21.00 8.09
CA ASN A 617 6.58 21.97 8.36
C ASN A 617 6.74 22.19 9.87
N LYS A 618 5.63 22.21 10.61
CA LYS A 618 5.71 22.30 12.06
C LYS A 618 6.27 21.02 12.66
N SER A 619 6.11 19.89 11.98
CA SER A 619 6.64 18.63 12.50
C SER A 619 8.15 18.58 12.40
N GLU A 620 8.71 19.06 11.29
CA GLU A 620 10.15 19.03 11.11
C GLU A 620 10.87 19.84 12.18
N GLU A 621 10.25 20.94 12.62
CA GLU A 621 10.85 21.74 13.69
C GLU A 621 10.74 21.03 15.03
N TRP A 622 9.57 20.45 15.32
CA TRP A 622 9.39 19.75 16.59
C TRP A 622 10.28 18.51 16.69
N ILE A 623 10.61 17.89 15.55
CA ILE A 623 11.51 16.74 15.57
C ILE A 623 12.88 17.15 16.09
N ARG A 624 13.40 18.29 15.61
CA ARG A 624 14.69 18.77 16.06
C ARG A 624 14.67 19.08 17.55
N LYS A 625 13.66 19.82 18.00
CA LYS A 625 13.55 20.17 19.41
C LYS A 625 13.38 18.92 20.28
N MET A 626 12.79 17.86 19.73
CA MET A 626 12.68 16.61 20.46
C MET A 626 14.02 15.87 20.47
N LEU A 627 14.68 15.78 19.31
CA LEU A 627 16.00 15.16 19.26
C LEU A 627 17.01 15.90 20.14
N HIS A 628 16.81 17.21 20.33
CA HIS A 628 17.70 17.98 21.20
C HIS A 628 17.49 17.59 22.66
N LEU A 629 16.23 17.50 23.10
CA LEU A 629 15.95 17.16 24.48
C LEU A 629 16.36 15.73 24.82
N ARG A 630 16.28 14.82 23.85
CA ARG A 630 16.68 13.45 24.10
C ARG A 630 18.18 13.35 24.39
N LYS A 631 18.98 14.13 23.67
CA LYS A 631 20.43 14.10 23.89
C LYS A 631 20.81 14.65 25.25
N GLN A 632 20.08 15.66 25.74
CA GLN A 632 20.35 16.20 27.06
C GLN A 632 19.98 15.20 28.15
N LEU A 633 18.75 14.65 28.09
CA LEU A 633 18.31 13.71 29.10
C LEU A 633 19.18 12.46 29.11
N LEU A 634 19.66 12.04 27.95
CA LEU A 634 20.59 10.90 27.89
C LEU A 634 21.90 11.25 28.58
N SER A 635 22.45 12.43 28.30
CA SER A 635 23.68 12.85 28.96
C SER A 635 23.47 13.07 30.45
N LEU A 636 22.31 13.61 30.83
CA LEU A 636 22.01 13.83 32.24
C LEU A 636 21.85 12.52 32.99
N THR A 637 21.37 11.47 32.32
CA THR A 637 21.27 10.16 32.96
C THR A 637 22.62 9.46 32.99
N ASN A 638 23.43 9.63 31.93
CA ASN A 638 24.79 9.11 31.97
C ASN A 638 25.61 9.79 33.06
N GLN A 639 25.35 11.07 33.31
CA GLN A 639 26.00 11.78 34.41
C GLN A 639 25.50 11.30 35.77
N CYS A 640 24.44 10.50 35.80
CA CYS A 640 23.97 9.90 37.05
C CYS A 640 24.57 8.52 37.28
N PHE A 641 24.87 7.77 36.22
CA PHE A 641 25.45 6.45 36.37
C PHE A 641 26.93 6.51 36.72
N ASP A 642 27.67 7.40 36.07
CA ASP A 642 29.11 7.47 36.33
C ASP A 642 29.42 8.04 37.71
N ILE A 643 28.53 8.88 38.25
CA ILE A 643 28.70 9.36 39.62
C ILE A 643 28.02 8.43 40.63
N GLU A 644 27.08 7.59 40.19
CA GLU A 644 26.59 6.51 41.04
C GLU A 644 27.71 5.55 41.39
N GLU A 645 28.67 5.39 40.48
CA GLU A 645 29.85 4.57 40.74
C GLU A 645 31.01 5.38 41.30
N GLU A 646 31.01 6.71 41.11
CA GLU A 646 32.01 7.54 41.75
C GLU A 646 31.77 7.65 43.26
N VAL A 647 30.49 7.62 43.68
CA VAL A 647 30.20 7.53 45.10
C VAL A 647 30.38 6.11 45.63
N SER A 648 30.55 5.13 44.74
CA SER A 648 30.87 3.78 45.16
C SER A 648 32.35 3.61 45.49
N LYS A 649 33.22 4.46 44.93
CA LYS A 649 34.64 4.43 45.24
C LYS A 649 34.95 5.06 46.58
N TYR A 650 34.03 5.83 47.16
CA TYR A 650 34.25 6.49 48.44
C TYR A 650 33.36 5.97 49.55
N GLN A 651 32.31 5.21 49.24
CA GLN A 651 31.45 4.66 50.28
C GLN A 651 32.13 3.51 51.02
N GLU A 652 33.03 2.79 50.34
CA GLU A 652 33.77 1.69 50.94
C GLU A 652 35.21 2.03 51.24
N TYR A 653 35.69 3.20 50.81
CA TYR A 653 37.09 3.57 50.93
C TYR A 653 37.45 3.89 52.38
N THR A 654 37.14 5.11 52.82
CA THR A 654 37.49 5.57 54.15
C THR A 654 36.47 5.16 55.20
N ASN A 655 35.21 4.98 54.81
CA ASN A 655 34.19 4.54 55.75
C ASN A 655 34.54 3.21 56.38
N GLU A 656 35.46 2.44 55.79
CA GLU A 656 35.88 1.14 56.31
C GLU A 656 37.40 1.12 56.37
N LEU A 657 37.96 1.64 57.45
CA LEU A 657 39.38 1.56 57.71
C LEU A 657 39.76 0.15 58.13
N GLN A 658 41.06 -0.08 58.33
CA GLN A 658 41.56 -1.39 58.72
C GLN A 658 42.23 -1.30 60.09
N GLU A 659 41.83 -2.19 60.99
CA GLU A 659 42.38 -2.27 62.34
C GLU A 659 41.85 -3.52 63.01
N THR A 660 42.69 -4.17 63.80
CA THR A 660 42.30 -5.37 64.54
C THR A 660 41.57 -5.01 65.82
C02 F8S B . -18.85 -16.24 -17.27
C04 F8S B . -19.81 -14.10 -16.76
C06 F8S B . -20.80 -11.95 -16.12
C07 F8S B . -21.61 -11.18 -15.22
C08 F8S B . -21.77 -9.80 -15.40
C09 F8S B . -21.16 -9.09 -16.45
C10 F8S B . -21.34 -7.57 -16.63
C11 F8S B . -21.52 -6.79 -15.26
C12 F8S B . -21.73 -5.28 -15.38
C16 F8S B . -20.12 -5.48 -17.47
C17 F8S B . -20.24 -7.00 -17.56
C18 F8S B . -20.37 -9.87 -17.31
C19 F8S B . -20.19 -11.27 -17.15
C20 F8S B . -19.34 -12.07 -18.09
C22 F8S B . -19.16 -13.50 -17.83
C23 F8S B . -18.32 -14.33 -18.63
C24 F8S B . -18.14 -15.68 -18.38
C25 F8S B . -17.23 -16.60 -19.26
N01 F8S B . -18.71 -17.57 -16.97
N03 F8S B . -19.68 -15.44 -16.44
O05 F8S B . -20.66 -13.33 -15.92
O14 F8S B . -21.13 -3.27 -16.82
O15 F8S B . -22.61 -4.91 -17.78
O21 F8S B . -18.82 -11.53 -19.03
O26 F8S B . -16.70 -16.10 -20.27
O27 F8S B . -17.10 -17.78 -18.88
S13 F8S B . -21.50 -4.64 -16.94
#